data_5N9C
#
_entry.id   5N9C
#
_cell.length_a   34.761
_cell.length_b   43.386
_cell.length_c   43.593
_cell.angle_alpha   61.40
_cell.angle_beta   84.03
_cell.angle_gamma   84.10
#
_symmetry.space_group_name_H-M   'P 1'
#
loop_
_entity.id
_entity.type
_entity.pdbx_description
1 polymer 'Protein enabled homolog'
2 polymer Ac-[2-Cl-F]-PP-[ProM-1]-OH
3 non-polymer 'SULFATE ION'
4 non-polymer GLYCEROL
5 non-polymer 'NITRATE ION'
6 water water
#
loop_
_entity_poly.entity_id
_entity_poly.type
_entity_poly.pdbx_seq_one_letter_code
_entity_poly.pdbx_strand_id
1 'polypeptide(L)'
;GSMSEQSICQARAAVMVYDDANKKWVPAGGSTGFSRVHIYHHTGNNTFRVVGRKIQDHQVVINCAIPKGLKYNQATQTFH
QWRDARQVYGLNFGSKEDANVFASAMMHALEVL
;
A,B
2 'polypeptide(L)' (ACE)(2L5)PP(92B) F,G,H,M
#
loop_
_chem_comp.id
_chem_comp.type
_chem_comp.name
_chem_comp.formula
92B non-polymer '(3~{S},7~{R},10~{R},13~{S})-2-oxidanylidene-1,4-diazatricyclo[8.3.0.0^{3,7}]tridec-8-ene-13-carboxylic acid' 'C12 H16 N2 O3'
ACE non-polymer 'ACETYL GROUP' 'C2 H4 O'
GOL non-polymer GLYCEROL 'C3 H8 O3'
NO3 non-polymer 'NITRATE ION' 'N O3 -1'
SO4 non-polymer 'SULFATE ION' 'O4 S -2'
#
# COMPACT_ATOMS: atom_id res chain seq x y z
N GLY A 1 -0.05 22.70 -7.24
CA GLY A 1 -1.38 23.25 -6.89
C GLY A 1 -2.49 22.41 -7.48
N SER A 2 -3.70 22.97 -7.51
CA SER A 2 -4.87 22.19 -7.86
C SER A 2 -4.84 21.72 -9.31
N MET A 3 -4.10 22.40 -10.18
N MET A 3 -4.16 22.47 -10.18
CA MET A 3 -4.11 22.05 -11.59
CA MET A 3 -4.04 22.10 -11.58
C MET A 3 -2.90 21.23 -12.03
C MET A 3 -3.05 20.96 -11.77
N SER A 4 -1.86 21.12 -11.21
CA SER A 4 -0.72 20.30 -11.56
C SER A 4 -0.54 19.09 -10.66
N GLU A 5 -1.26 19.01 -9.51
CA GLU A 5 -1.09 17.90 -8.58
C GLU A 5 -2.42 17.21 -8.29
N GLN A 6 -2.35 15.90 -8.09
CA GLN A 6 -3.48 15.05 -7.76
C GLN A 6 -3.22 14.38 -6.43
N SER A 7 -4.17 14.46 -5.52
CA SER A 7 -4.06 13.70 -4.27
C SER A 7 -4.28 12.22 -4.55
N ILE A 8 -3.36 11.38 -4.08
CA ILE A 8 -3.48 9.95 -4.24
C ILE A 8 -3.85 9.25 -2.96
N CYS A 9 -3.93 9.97 -1.84
CA CYS A 9 -4.46 9.40 -0.62
C CYS A 9 -4.70 10.50 0.38
N GLN A 10 -5.52 10.18 1.38
CA GLN A 10 -5.72 11.00 2.57
C GLN A 10 -5.76 10.07 3.77
N ALA A 11 -4.97 10.40 4.79
CA ALA A 11 -4.90 9.57 5.98
C ALA A 11 -4.80 10.45 7.23
N ARG A 12 -5.39 9.98 8.30
CA ARG A 12 -5.40 10.71 9.56
C ARG A 12 -4.19 10.30 10.39
N ALA A 13 -3.37 11.28 10.78
CA ALA A 13 -2.16 10.96 11.55
C ALA A 13 -1.73 12.18 12.34
N ALA A 14 -1.12 11.90 13.50
CA ALA A 14 -0.37 12.91 14.24
C ALA A 14 1.02 12.91 13.65
N VAL A 15 1.40 14.05 13.07
CA VAL A 15 2.65 14.18 12.35
C VAL A 15 3.71 14.65 13.35
N MET A 16 4.91 14.09 13.26
N MET A 16 4.79 13.86 13.44
CA MET A 16 5.97 14.48 14.17
CA MET A 16 5.86 13.96 14.42
C MET A 16 7.29 14.52 13.42
C MET A 16 7.18 14.15 13.70
N VAL A 17 8.26 15.23 14.00
N VAL A 17 8.11 14.92 14.29
CA VAL A 17 9.64 15.19 13.55
CA VAL A 17 9.46 15.14 13.75
C VAL A 17 10.53 14.90 14.74
C VAL A 17 10.44 14.76 14.83
N TYR A 18 11.61 14.21 14.47
CA TYR A 18 12.51 13.77 15.52
C TYR A 18 13.52 14.84 15.87
N ASP A 19 13.59 15.18 17.12
CA ASP A 19 14.57 16.14 17.62
C ASP A 19 15.80 15.35 18.00
N ASP A 20 16.74 15.13 17.09
N ASP A 20 16.77 15.35 17.05
CA ASP A 20 17.86 14.29 17.50
CA ASP A 20 18.00 14.55 17.13
C ASP A 20 18.66 14.91 18.63
C ASP A 20 18.87 14.98 18.30
N ALA A 21 18.80 16.26 18.66
CA ALA A 21 19.63 16.86 19.70
C ALA A 21 19.08 16.57 21.08
N ASN A 22 17.77 16.38 21.21
CA ASN A 22 17.15 16.00 22.48
C ASN A 22 16.74 14.53 22.52
N LYS A 23 16.86 13.80 21.43
CA LYS A 23 16.46 12.41 21.35
C LYS A 23 14.98 12.18 21.70
N LYS A 24 14.10 12.99 21.08
CA LYS A 24 12.67 12.93 21.34
C LYS A 24 11.90 13.34 20.08
N TRP A 25 10.69 12.78 19.91
CA TRP A 25 9.76 13.25 18.89
C TRP A 25 9.07 14.52 19.34
N VAL A 26 8.89 15.44 18.40
N VAL A 26 8.78 15.38 18.39
CA VAL A 26 8.24 16.75 18.58
CA VAL A 26 8.04 16.58 18.72
C VAL A 26 7.01 16.77 17.66
C VAL A 26 7.03 16.86 17.63
N PRO A 27 5.89 17.41 18.02
CA PRO A 27 4.81 17.59 17.05
C PRO A 27 5.25 18.47 15.90
N ALA A 28 4.96 18.02 14.68
CA ALA A 28 5.30 18.82 13.52
C ALA A 28 4.48 20.10 13.56
N GLY A 29 5.15 21.22 13.30
CA GLY A 29 4.46 22.51 13.31
C GLY A 29 4.23 23.10 14.69
N GLY A 30 4.61 22.40 15.76
CA GLY A 30 4.60 22.95 17.09
C GLY A 30 3.51 22.51 18.04
N SER A 31 2.43 21.89 17.56
N SER A 31 2.40 21.95 17.56
CA SER A 31 1.35 21.55 18.47
CA SER A 31 1.29 21.61 18.46
C SER A 31 0.77 20.18 18.17
C SER A 31 0.81 20.20 18.17
N THR A 32 0.57 19.44 19.24
CA THR A 32 0.17 18.04 19.13
C THR A 32 -1.30 17.93 18.72
N GLY A 33 -1.57 17.04 17.79
CA GLY A 33 -2.92 16.74 17.36
C GLY A 33 -2.90 16.12 15.99
N PHE A 34 -4.08 15.72 15.53
CA PHE A 34 -4.22 14.99 14.27
C PHE A 34 -4.36 15.91 13.08
N SER A 35 -3.78 15.45 11.97
CA SER A 35 -3.78 16.10 10.70
C SER A 35 -4.35 15.17 9.65
N ARG A 36 -4.82 15.75 8.56
CA ARG A 36 -5.15 15.05 7.33
C ARG A 36 -3.93 15.12 6.43
N VAL A 37 -3.36 13.96 6.12
CA VAL A 37 -2.08 13.86 5.42
C VAL A 37 -2.31 13.25 4.05
N HIS A 38 -1.91 13.96 3.03
CA HIS A 38 -2.00 13.52 1.63
C HIS A 38 -0.62 13.18 1.08
N ILE A 39 -0.61 12.33 0.06
CA ILE A 39 0.47 12.31 -0.91
C ILE A 39 -0.09 12.93 -2.18
N TYR A 40 0.61 13.92 -2.69
CA TYR A 40 0.24 14.59 -3.93
C TYR A 40 1.20 14.19 -5.03
N HIS A 41 0.64 13.85 -6.19
CA HIS A 41 1.41 13.47 -7.36
C HIS A 41 1.35 14.63 -8.36
N HIS A 42 2.51 15.19 -8.69
CA HIS A 42 2.63 16.15 -9.78
C HIS A 42 2.69 15.30 -11.04
N THR A 43 1.58 15.27 -11.78
CA THR A 43 1.38 14.32 -12.87
C THR A 43 2.25 14.65 -14.07
N GLY A 44 2.54 15.94 -14.30
CA GLY A 44 3.40 16.32 -15.41
C GLY A 44 4.84 15.89 -15.25
N ASN A 45 5.38 16.02 -14.03
CA ASN A 45 6.80 15.74 -13.80
C ASN A 45 7.03 14.42 -13.08
N ASN A 46 5.97 13.69 -12.75
CA ASN A 46 6.07 12.44 -12.01
C ASN A 46 6.89 12.60 -10.73
N THR A 47 6.53 13.59 -9.91
CA THR A 47 7.13 13.76 -8.59
C THR A 47 6.03 13.70 -7.55
N PHE A 48 6.43 13.48 -6.30
CA PHE A 48 5.46 13.31 -5.23
C PHE A 48 5.91 14.08 -3.99
N ARG A 49 4.95 14.53 -3.18
CA ARG A 49 5.25 15.13 -1.90
C ARG A 49 4.17 14.77 -0.90
N VAL A 50 4.54 14.78 0.38
CA VAL A 50 3.64 14.58 1.51
C VAL A 50 3.25 15.95 2.04
N VAL A 51 1.95 16.25 2.10
CA VAL A 51 1.44 17.50 2.66
C VAL A 51 0.36 17.16 3.66
N GLY A 52 0.49 17.68 4.87
CA GLY A 52 -0.46 17.43 5.94
C GLY A 52 -0.87 18.73 6.60
N ARG A 53 -2.15 18.79 6.99
CA ARG A 53 -2.74 19.99 7.60
C ARG A 53 -3.51 19.57 8.84
N LYS A 54 -3.31 20.33 9.91
N LYS A 54 -3.31 20.33 9.93
CA LYS A 54 -3.98 20.05 11.17
CA LYS A 54 -4.03 20.05 11.16
C LYS A 54 -5.50 20.14 10.98
C LYS A 54 -5.52 20.11 10.93
N ILE A 55 -6.23 19.15 11.52
CA ILE A 55 -7.69 19.14 11.38
C ILE A 55 -8.31 20.40 11.99
N GLN A 56 -7.83 20.82 13.16
CA GLN A 56 -8.48 21.92 13.89
C GLN A 56 -8.31 23.24 13.16
N ASP A 57 -7.09 23.65 12.86
CA ASP A 57 -6.80 25.01 12.42
C ASP A 57 -6.23 25.11 11.03
N HIS A 58 -6.02 23.97 10.33
CA HIS A 58 -5.58 23.97 8.94
C HIS A 58 -4.10 24.29 8.78
N GLN A 59 -3.32 24.37 9.85
CA GLN A 59 -1.90 24.64 9.68
C GLN A 59 -1.22 23.54 8.87
N VAL A 60 -0.39 23.95 7.92
CA VAL A 60 0.46 22.98 7.21
C VAL A 60 1.56 22.55 8.15
N VAL A 61 1.60 21.27 8.47
CA VAL A 61 2.58 20.74 9.41
C VAL A 61 3.67 19.93 8.74
N ILE A 62 3.47 19.50 7.50
CA ILE A 62 4.48 18.78 6.74
C ILE A 62 4.28 19.10 5.27
N ASN A 63 5.39 19.27 4.56
CA ASN A 63 5.41 19.57 3.14
C ASN A 63 6.78 19.09 2.65
N CYS A 64 6.91 17.81 2.37
N CYS A 64 6.85 17.80 2.31
CA CYS A 64 8.22 17.28 2.05
CA CYS A 64 8.11 17.05 2.16
C CYS A 64 8.18 16.40 0.81
C CYS A 64 8.14 16.35 0.81
N ALA A 65 9.19 16.58 0.01
CA ALA A 65 9.35 15.79 -1.21
C ALA A 65 9.61 14.32 -0.87
N ILE A 66 9.13 13.43 -1.73
CA ILE A 66 9.44 12.00 -1.63
C ILE A 66 10.45 11.68 -2.74
N PRO A 67 11.72 11.52 -2.42
CA PRO A 67 12.72 11.26 -3.47
C PRO A 67 12.77 9.81 -3.88
N LYS A 68 13.13 9.62 -5.14
CA LYS A 68 13.37 8.27 -5.61
C LYS A 68 14.37 7.57 -4.70
N GLY A 69 14.04 6.36 -4.31
CA GLY A 69 14.94 5.55 -3.50
C GLY A 69 14.66 5.60 -2.00
N LEU A 70 13.68 6.41 -1.58
N LEU A 70 13.75 6.46 -1.58
CA LEU A 70 13.36 6.56 -0.17
CA LEU A 70 13.50 6.61 -0.15
C LEU A 70 13.14 5.21 0.51
C LEU A 70 13.16 5.26 0.49
N LYS A 71 13.67 5.07 1.70
CA LYS A 71 13.42 3.91 2.56
C LYS A 71 12.31 4.26 3.56
N TYR A 72 11.14 3.71 3.38
CA TYR A 72 9.97 3.98 4.21
C TYR A 72 9.84 2.86 5.23
N ASN A 73 9.93 3.18 6.53
CA ASN A 73 9.98 2.20 7.58
C ASN A 73 8.63 2.08 8.28
N GLN A 74 8.04 0.90 8.24
CA GLN A 74 6.79 0.63 8.96
C GLN A 74 7.17 0.04 10.30
N ALA A 75 7.47 0.91 11.27
CA ALA A 75 7.96 0.46 12.57
C ALA A 75 6.93 -0.38 13.30
N THR A 76 5.68 0.06 13.27
CA THR A 76 4.56 -0.69 13.79
C THR A 76 3.39 -0.55 12.82
N GLN A 77 2.29 -1.23 13.14
CA GLN A 77 1.12 -1.13 12.26
C GLN A 77 0.46 0.24 12.31
N THR A 78 0.82 1.10 13.27
CA THR A 78 0.27 2.44 13.29
C THR A 78 1.30 3.56 13.37
N PHE A 79 2.61 3.28 13.30
CA PHE A 79 3.61 4.32 13.28
C PHE A 79 4.62 4.01 12.18
N HIS A 80 4.67 4.88 11.17
CA HIS A 80 5.61 4.76 10.07
C HIS A 80 6.48 5.99 10.02
N GLN A 81 7.65 5.87 9.40
CA GLN A 81 8.63 6.94 9.49
C GLN A 81 9.55 6.90 8.28
N TRP A 82 10.23 8.00 8.01
CA TRP A 82 11.23 8.07 6.96
C TRP A 82 12.14 9.26 7.26
N ARG A 83 13.23 9.33 6.51
N ARG A 83 13.18 9.40 6.49
CA ARG A 83 14.28 10.34 6.66
CA ARG A 83 14.11 10.48 6.78
C ARG A 83 14.47 11.17 5.40
C ARG A 83 14.63 11.06 5.48
N ASP A 84 15.09 12.32 5.57
CA ASP A 84 15.81 12.93 4.47
C ASP A 84 17.10 13.49 5.02
N ALA A 85 17.78 14.30 4.23
CA ALA A 85 19.07 14.82 4.64
C ALA A 85 18.96 15.78 5.79
N ARG A 86 17.74 16.24 6.07
N ARG A 86 17.73 16.28 6.01
CA ARG A 86 17.46 17.35 6.99
CA ARG A 86 17.40 17.44 6.83
C ARG A 86 16.74 16.89 8.25
C ARG A 86 16.52 17.11 8.04
N GLN A 87 15.74 16.03 8.11
N GLN A 87 15.67 16.07 7.97
CA GLN A 87 14.81 15.71 9.20
CA GLN A 87 14.71 15.73 9.04
C GLN A 87 14.39 14.25 9.11
C GLN A 87 14.45 14.22 9.10
N VAL A 88 13.89 13.75 10.23
CA VAL A 88 13.24 12.45 10.32
C VAL A 88 11.79 12.72 10.66
N TYR A 89 10.89 12.12 9.88
CA TYR A 89 9.46 12.31 9.98
C TYR A 89 8.80 11.05 10.50
N GLY A 90 7.75 11.23 11.28
CA GLY A 90 6.95 10.14 11.78
C GLY A 90 5.47 10.43 11.65
N LEU A 91 4.69 9.40 11.34
CA LEU A 91 3.24 9.47 11.28
C LEU A 91 2.67 8.48 12.27
N ASN A 92 1.99 9.00 13.29
CA ASN A 92 1.25 8.18 14.25
C ASN A 92 -0.20 8.15 13.79
N PHE A 93 -0.54 7.12 13.05
CA PHE A 93 -1.83 7.07 12.38
C PHE A 93 -2.97 6.89 13.35
N GLY A 94 -4.13 7.45 13.01
CA GLY A 94 -5.31 7.32 13.85
C GLY A 94 -5.90 5.92 13.91
N SER A 95 -5.54 5.06 12.96
CA SER A 95 -6.03 3.69 12.88
C SER A 95 -5.12 2.91 11.97
N LYS A 96 -5.23 1.57 12.06
CA LYS A 96 -4.51 0.69 11.14
C LYS A 96 -4.96 0.92 9.71
N GLU A 97 -6.23 1.25 9.53
N GLU A 97 -6.25 1.20 9.52
CA GLU A 97 -6.74 1.45 8.18
CA GLU A 97 -6.73 1.44 8.16
C GLU A 97 -6.12 2.69 7.55
C GLU A 97 -6.05 2.67 7.56
N ASP A 98 -5.92 3.75 8.34
CA ASP A 98 -5.21 4.92 7.84
C ASP A 98 -3.76 4.61 7.48
N ALA A 99 -3.09 3.86 8.34
CA ALA A 99 -1.70 3.48 8.05
C ALA A 99 -1.61 2.69 6.76
N ASN A 100 -2.55 1.79 6.53
CA ASN A 100 -2.53 0.98 5.31
C ASN A 100 -2.76 1.79 4.06
N VAL A 101 -3.71 2.73 4.14
CA VAL A 101 -3.99 3.64 3.03
C VAL A 101 -2.74 4.43 2.66
N PHE A 102 -2.12 5.04 3.65
CA PHE A 102 -0.95 5.85 3.39
C PHE A 102 0.22 5.02 2.89
N ALA A 103 0.50 3.90 3.57
CA ALA A 103 1.63 3.07 3.15
C ALA A 103 1.43 2.52 1.76
N SER A 104 0.21 2.15 1.41
N SER A 104 0.20 2.11 1.41
CA SER A 104 -0.02 1.64 0.06
CA SER A 104 -0.07 1.67 0.04
C SER A 104 0.22 2.71 -0.99
C SER A 104 0.31 2.75 -0.95
N ALA A 105 -0.19 3.97 -0.73
CA ALA A 105 0.09 5.05 -1.65
C ALA A 105 1.59 5.37 -1.71
N MET A 106 2.27 5.39 -0.56
CA MET A 106 3.71 5.63 -0.53
C MET A 106 4.45 4.57 -1.32
N MET A 107 4.10 3.30 -1.13
CA MET A 107 4.82 2.25 -1.84
C MET A 107 4.58 2.36 -3.33
N HIS A 108 3.37 2.78 -3.72
CA HIS A 108 3.07 3.04 -5.13
C HIS A 108 3.96 4.14 -5.69
N ALA A 109 4.04 5.26 -4.98
CA ALA A 109 4.88 6.37 -5.40
C ALA A 109 6.32 5.91 -5.57
N LEU A 110 6.82 5.14 -4.62
CA LEU A 110 8.22 4.70 -4.68
C LEU A 110 8.47 3.74 -5.85
N GLU A 111 7.44 3.02 -6.27
N GLU A 111 7.44 3.00 -6.27
CA GLU A 111 7.58 2.11 -7.40
CA GLU A 111 7.59 2.13 -7.42
C GLU A 111 7.56 2.83 -8.74
C GLU A 111 7.68 2.93 -8.70
N VAL A 112 6.85 3.96 -8.85
CA VAL A 112 6.71 4.64 -10.13
C VAL A 112 7.70 5.79 -10.30
N LEU A 113 8.34 6.23 -9.22
CA LEU A 113 9.47 7.15 -9.32
C LEU A 113 10.62 6.51 -10.07
N SER B 4 0.29 -5.63 -24.33
CA SER B 4 -0.85 -4.78 -24.00
C SER B 4 -1.13 -4.64 -22.49
N GLU B 5 -0.53 -5.49 -21.65
CA GLU B 5 -0.70 -5.38 -20.20
C GLU B 5 0.65 -5.15 -19.54
N GLN B 6 0.64 -4.34 -18.48
CA GLN B 6 1.83 -4.00 -17.73
C GLN B 6 1.71 -4.58 -16.32
N SER B 7 2.74 -5.30 -15.89
CA SER B 7 2.79 -5.78 -14.52
C SER B 7 3.02 -4.61 -13.58
N ILE B 8 2.19 -4.51 -12.55
CA ILE B 8 2.35 -3.47 -11.53
C ILE B 8 2.84 -4.02 -10.21
N CYS B 9 3.00 -5.33 -10.08
CA CYS B 9 3.70 -5.90 -8.93
C CYS B 9 3.99 -7.35 -9.20
N GLN B 10 4.92 -7.88 -8.41
CA GLN B 10 5.23 -9.30 -8.36
C GLN B 10 5.41 -9.66 -6.91
N ALA B 11 4.70 -10.68 -6.44
CA ALA B 11 4.79 -11.09 -5.04
C ALA B 11 4.78 -12.61 -4.96
N ARG B 12 5.49 -13.13 -3.97
CA ARG B 12 5.61 -14.57 -3.76
C ARG B 12 4.50 -15.03 -2.81
N ALA B 13 3.67 -15.97 -3.25
CA ALA B 13 2.58 -16.42 -2.43
C ALA B 13 2.18 -17.84 -2.82
N ALA B 14 1.69 -18.58 -1.82
CA ALA B 14 1.01 -19.83 -2.06
C ALA B 14 -0.45 -19.47 -2.31
N VAL B 15 -0.92 -19.74 -3.52
CA VAL B 15 -2.27 -19.35 -3.96
C VAL B 15 -3.21 -20.48 -3.59
N MET B 16 -4.34 -20.12 -2.99
N MET B 16 -4.33 -20.11 -2.96
CA MET B 16 -5.30 -21.10 -2.50
CA MET B 16 -5.31 -21.03 -2.42
C MET B 16 -6.70 -20.66 -2.88
C MET B 16 -6.69 -20.65 -2.96
N VAL B 17 -7.60 -21.62 -2.96
CA VAL B 17 -9.02 -21.36 -3.13
C VAL B 17 -9.75 -22.15 -2.07
N TYR B 18 -10.92 -21.64 -1.68
CA TYR B 18 -11.65 -22.26 -0.61
C TYR B 18 -12.60 -23.31 -1.15
N ASP B 19 -12.50 -24.52 -0.62
CA ASP B 19 -13.41 -25.61 -1.00
C ASP B 19 -14.63 -25.46 -0.10
N ASP B 20 -15.70 -24.90 -0.69
N ASP B 20 -15.68 -24.77 -0.55
CA ASP B 20 -16.95 -24.52 -0.03
CA ASP B 20 -16.80 -24.57 0.36
C ASP B 20 -17.73 -25.73 0.48
C ASP B 20 -17.38 -25.90 0.85
N ALA B 21 -17.45 -26.90 -0.04
CA ALA B 21 -18.13 -28.14 0.33
C ALA B 21 -17.40 -28.85 1.48
N ASN B 22 -16.09 -28.82 1.49
CA ASN B 22 -15.31 -29.47 2.55
C ASN B 22 -14.81 -28.50 3.60
N LYS B 23 -15.09 -27.24 3.44
CA LYS B 23 -14.77 -26.20 4.42
C LYS B 23 -13.27 -26.13 4.72
N LYS B 24 -12.47 -26.08 3.67
CA LYS B 24 -11.03 -25.97 3.85
C LYS B 24 -10.42 -25.34 2.63
N TRP B 25 -9.26 -24.72 2.84
CA TRP B 25 -8.47 -24.21 1.73
C TRP B 25 -7.76 -25.36 1.02
N VAL B 26 -7.63 -25.21 -0.30
CA VAL B 26 -6.90 -26.14 -1.14
C VAL B 26 -5.99 -25.36 -2.07
N PRO B 27 -4.89 -25.95 -2.52
CA PRO B 27 -3.98 -25.21 -3.40
C PRO B 27 -4.63 -24.91 -4.74
N ALA B 28 -4.48 -23.68 -5.20
CA ALA B 28 -5.00 -23.29 -6.50
C ALA B 28 -4.26 -24.06 -7.59
N GLY B 29 -5.02 -24.53 -8.58
CA GLY B 29 -4.45 -25.32 -9.65
C GLY B 29 -4.11 -26.74 -9.27
N GLY B 30 -4.32 -27.13 -8.00
CA GLY B 30 -4.11 -28.50 -7.61
C GLY B 30 -2.75 -28.82 -7.11
N SER B 31 -1.92 -27.82 -6.81
N SER B 31 -1.76 -27.93 -7.13
CA SER B 31 -0.48 -28.01 -6.68
CA SER B 31 -0.42 -28.32 -6.68
C SER B 31 0.04 -27.18 -5.52
C SER B 31 0.13 -27.32 -5.66
N THR B 32 0.49 -27.86 -4.49
CA THR B 32 1.04 -27.09 -3.35
C THR B 32 2.36 -26.45 -3.69
N GLY B 33 2.55 -25.25 -3.23
CA GLY B 33 3.82 -24.58 -3.41
C GLY B 33 3.60 -23.12 -3.75
N PHE B 34 4.69 -22.39 -3.88
CA PHE B 34 4.68 -20.96 -4.10
C PHE B 34 4.65 -20.60 -5.58
N SER B 35 3.97 -19.49 -5.83
CA SER B 35 3.82 -18.89 -7.15
C SER B 35 4.36 -17.47 -7.13
N ARG B 36 4.66 -16.96 -8.31
CA ARG B 36 4.91 -15.55 -8.54
C ARG B 36 3.60 -14.93 -9.03
N VAL B 37 3.05 -14.03 -8.23
CA VAL B 37 1.71 -13.48 -8.44
C VAL B 37 1.82 -12.01 -8.83
N HIS B 38 1.29 -11.67 -9.98
CA HIS B 38 1.26 -10.31 -10.48
C HIS B 38 -0.14 -9.74 -10.41
N ILE B 39 -0.23 -8.42 -10.37
CA ILE B 39 -1.39 -7.71 -10.91
C ILE B 39 -0.97 -7.08 -12.23
N TYR B 40 -1.75 -7.33 -13.27
CA TYR B 40 -1.51 -6.79 -14.61
C TYR B 40 -2.55 -5.72 -14.89
N HIS B 41 -2.09 -4.59 -15.41
CA HIS B 41 -2.94 -3.47 -15.78
C HIS B 41 -3.03 -3.39 -17.29
N HIS B 42 -4.25 -3.53 -17.82
CA HIS B 42 -4.50 -3.28 -19.23
C HIS B 42 -4.75 -1.79 -19.35
N THR B 43 -3.74 -1.06 -19.84
CA THR B 43 -3.83 0.40 -19.79
C THR B 43 -4.81 0.94 -20.80
N GLY B 44 -5.03 0.22 -21.90
CA GLY B 44 -5.91 0.71 -22.93
C GLY B 44 -7.33 0.91 -22.44
N ASN B 45 -7.83 -0.01 -21.62
CA ASN B 45 -9.19 0.06 -21.11
C ASN B 45 -9.26 0.17 -19.57
N ASN B 46 -8.13 0.38 -18.91
CA ASN B 46 -8.10 0.54 -17.45
C ASN B 46 -8.75 -0.63 -16.72
N THR B 47 -8.32 -1.84 -17.05
CA THR B 47 -8.77 -2.99 -16.30
C THR B 47 -7.56 -3.68 -15.66
N PHE B 48 -7.84 -4.49 -14.64
CA PHE B 48 -6.78 -5.17 -13.90
C PHE B 48 -7.14 -6.65 -13.69
N ARG B 49 -6.11 -7.50 -13.59
CA ARG B 49 -6.33 -8.89 -13.20
C ARG B 49 -5.14 -9.39 -12.40
N VAL B 50 -5.40 -10.42 -11.62
CA VAL B 50 -4.39 -11.15 -10.85
C VAL B 50 -4.03 -12.39 -11.66
N VAL B 51 -2.74 -12.57 -11.94
CA VAL B 51 -2.24 -13.76 -12.62
C VAL B 51 -1.05 -14.29 -11.85
N GLY B 52 -1.10 -15.56 -11.48
CA GLY B 52 -0.03 -16.19 -10.74
C GLY B 52 0.38 -17.49 -11.38
N ARG B 53 1.69 -17.76 -11.34
CA ARG B 53 2.26 -18.96 -11.96
C ARG B 53 3.20 -19.62 -10.98
N LYS B 54 3.09 -20.96 -10.88
N LYS B 54 3.11 -20.95 -10.92
CA LYS B 54 3.98 -21.72 -9.98
CA LYS B 54 3.95 -21.73 -10.03
C LYS B 54 5.43 -21.46 -10.35
C LYS B 54 5.43 -21.51 -10.37
N ILE B 55 6.25 -21.27 -9.33
CA ILE B 55 7.70 -21.09 -9.54
C ILE B 55 8.31 -22.30 -10.27
N GLN B 56 7.90 -23.52 -9.88
CA GLN B 56 8.57 -24.73 -10.39
C GLN B 56 8.30 -24.96 -11.86
N ASP B 57 7.03 -25.03 -12.25
CA ASP B 57 6.67 -25.51 -13.57
C ASP B 57 5.92 -24.51 -14.41
N HIS B 58 5.68 -23.29 -13.89
CA HIS B 58 5.08 -22.20 -14.63
C HIS B 58 3.58 -22.37 -14.82
N GLN B 59 2.94 -23.32 -14.16
CA GLN B 59 1.50 -23.49 -14.33
C GLN B 59 0.77 -22.23 -13.86
N VAL B 60 -0.18 -21.76 -14.67
CA VAL B 60 -1.05 -20.67 -14.25
C VAL B 60 -2.03 -21.23 -13.22
N VAL B 61 -1.99 -20.68 -12.00
CA VAL B 61 -2.84 -21.16 -10.91
C VAL B 61 -3.96 -20.18 -10.56
N ILE B 62 -3.87 -18.93 -11.00
CA ILE B 62 -4.92 -17.94 -10.78
C ILE B 62 -4.87 -17.01 -11.97
N ASN B 63 -6.06 -16.61 -12.40
CA ASN B 63 -6.22 -15.68 -13.51
C ASN B 63 -7.60 -15.06 -13.30
N CYS B 64 -7.66 -13.98 -12.55
N CYS B 64 -7.66 -13.96 -12.52
CA CYS B 64 -8.96 -13.44 -12.23
CA CYS B 64 -8.92 -13.47 -11.91
C CYS B 64 -8.99 -11.94 -12.32
C CYS B 64 -9.06 -11.95 -12.05
N ALA B 65 -10.12 -11.48 -12.74
CA ALA B 65 -10.37 -10.05 -12.86
C ALA B 65 -10.49 -9.40 -11.49
N ILE B 66 -10.06 -8.14 -11.41
CA ILE B 66 -10.26 -7.29 -10.23
C ILE B 66 -11.37 -6.28 -10.55
N PRO B 67 -12.57 -6.49 -10.07
CA PRO B 67 -13.66 -5.55 -10.37
C PRO B 67 -13.68 -4.35 -9.44
N LYS B 68 -14.24 -3.27 -9.97
CA LYS B 68 -14.50 -2.10 -9.16
C LYS B 68 -15.33 -2.48 -7.93
N GLY B 69 -14.93 -2.00 -6.76
CA GLY B 69 -15.69 -2.21 -5.54
C GLY B 69 -15.28 -3.46 -4.78
N LEU B 70 -14.31 -4.23 -5.27
N LEU B 70 -14.33 -4.25 -5.28
CA LEU B 70 -13.86 -5.44 -4.59
CA LEU B 70 -13.99 -5.49 -4.57
C LEU B 70 -13.53 -5.17 -3.12
C LEU B 70 -13.55 -5.19 -3.15
N LYS B 71 -13.96 -6.06 -2.24
CA LYS B 71 -13.57 -6.01 -0.84
C LYS B 71 -12.38 -6.95 -0.66
N TYR B 72 -11.20 -6.37 -0.50
CA TYR B 72 -9.97 -7.12 -0.34
C TYR B 72 -9.68 -7.18 1.15
N ASN B 73 -9.65 -8.37 1.70
CA ASN B 73 -9.58 -8.56 3.14
C ASN B 73 -8.15 -8.97 3.53
N GLN B 74 -7.49 -8.14 4.34
CA GLN B 74 -6.16 -8.46 4.85
C GLN B 74 -6.35 -9.17 6.18
N ALA B 75 -6.62 -10.47 6.11
CA ALA B 75 -6.98 -11.23 7.32
C ALA B 75 -5.85 -11.22 8.34
N THR B 76 -4.63 -11.41 7.87
CA THR B 76 -3.43 -11.28 8.69
C THR B 76 -2.40 -10.53 7.87
N GLN B 77 -1.22 -10.29 8.47
CA GLN B 77 -0.17 -9.59 7.73
C GLN B 77 0.45 -10.44 6.61
N THR B 78 0.16 -11.74 6.57
CA THR B 78 0.66 -12.57 5.48
C THR B 78 -0.41 -13.40 4.78
N PHE B 79 -1.69 -13.22 5.08
CA PHE B 79 -2.74 -13.95 4.37
C PHE B 79 -3.83 -12.97 4.01
N HIS B 80 -4.04 -12.76 2.71
CA HIS B 80 -5.07 -11.86 2.23
C HIS B 80 -6.01 -12.65 1.32
N GLN B 81 -7.22 -12.15 1.14
CA GLN B 81 -8.24 -12.95 0.47
C GLN B 81 -9.30 -12.04 -0.13
N TRP B 82 -10.03 -12.58 -1.10
CA TRP B 82 -11.14 -11.85 -1.73
C TRP B 82 -12.04 -12.88 -2.41
N ARG B 83 -13.19 -12.40 -2.93
N ARG B 83 -13.16 -12.45 -2.95
CA ARG B 83 -14.24 -13.21 -3.54
CA ARG B 83 -14.05 -13.42 -3.54
C ARG B 83 -14.56 -12.76 -4.96
C ARG B 83 -14.69 -12.82 -4.77
N ASP B 84 -15.13 -13.70 -5.69
CA ASP B 84 -16.02 -13.36 -6.79
C ASP B 84 -17.36 -14.10 -6.53
N ALA B 85 -18.22 -14.15 -7.53
CA ALA B 85 -19.50 -14.79 -7.39
C ALA B 85 -19.39 -16.30 -7.33
N ARG B 86 -18.21 -16.83 -7.56
N ARG B 86 -18.23 -16.86 -7.61
CA ARG B 86 -18.05 -18.28 -7.62
CA ARG B 86 -18.06 -18.31 -7.54
C ARG B 86 -16.97 -18.89 -6.75
C ARG B 86 -17.12 -18.73 -6.43
N GLN B 87 -15.92 -18.16 -6.40
CA GLN B 87 -14.80 -18.66 -5.66
C GLN B 87 -14.34 -17.66 -4.61
N VAL B 88 -13.68 -18.19 -3.59
CA VAL B 88 -12.92 -17.38 -2.62
C VAL B 88 -11.45 -17.71 -2.82
N TYR B 89 -10.66 -16.67 -3.03
CA TYR B 89 -9.23 -16.74 -3.29
C TYR B 89 -8.46 -16.33 -2.06
N GLY B 90 -7.32 -16.97 -1.83
CA GLY B 90 -6.44 -16.62 -0.73
C GLY B 90 -5.01 -16.61 -1.19
N LEU B 91 -4.23 -15.70 -0.64
CA LEU B 91 -2.80 -15.62 -0.90
C LEU B 91 -2.10 -15.73 0.43
N ASN B 92 -1.32 -16.80 0.58
CA ASN B 92 -0.46 -16.99 1.76
C ASN B 92 0.94 -16.54 1.35
N PHE B 93 1.24 -15.30 1.67
CA PHE B 93 2.45 -14.68 1.17
C PHE B 93 3.71 -15.28 1.82
N GLY B 94 4.78 -15.30 1.04
CA GLY B 94 6.05 -15.84 1.54
C GLY B 94 6.71 -14.99 2.61
N SER B 95 6.34 -13.72 2.72
CA SER B 95 6.87 -12.78 3.70
C SER B 95 5.91 -11.60 3.81
N LYS B 96 6.07 -10.82 4.90
CA LYS B 96 5.30 -9.60 5.06
C LYS B 96 5.61 -8.62 3.94
N GLU B 97 6.87 -8.58 3.48
CA GLU B 97 7.22 -7.67 2.42
C GLU B 97 6.42 -7.98 1.17
N ASP B 98 6.28 -9.25 0.84
CA ASP B 98 5.49 -9.65 -0.33
C ASP B 98 4.02 -9.26 -0.17
N ALA B 99 3.45 -9.50 1.02
CA ALA B 99 2.07 -9.10 1.28
C ALA B 99 1.91 -7.61 1.10
N ASN B 100 2.88 -6.82 1.56
CA ASN B 100 2.78 -5.37 1.45
C ASN B 100 2.85 -4.90 -0.01
N VAL B 101 3.75 -5.50 -0.78
CA VAL B 101 3.84 -5.19 -2.20
C VAL B 101 2.52 -5.44 -2.90
N PHE B 102 1.97 -6.64 -2.69
CA PHE B 102 0.74 -7.00 -3.38
C PHE B 102 -0.44 -6.14 -2.92
N ALA B 103 -0.57 -5.97 -1.62
CA ALA B 103 -1.67 -5.16 -1.11
C ALA B 103 -1.58 -3.72 -1.59
N SER B 104 -0.38 -3.18 -1.71
CA SER B 104 -0.24 -1.81 -2.21
C SER B 104 -0.75 -1.71 -3.63
N ALA B 105 -0.39 -2.69 -4.47
CA ALA B 105 -0.81 -2.66 -5.85
C ALA B 105 -2.32 -2.88 -5.96
N MET B 106 -2.86 -3.79 -5.16
CA MET B 106 -4.30 -4.02 -5.15
C MET B 106 -5.05 -2.78 -4.70
N MET B 107 -4.59 -2.15 -3.60
CA MET B 107 -5.31 -0.97 -3.11
C MET B 107 -5.24 0.13 -4.14
N HIS B 108 -4.11 0.25 -4.86
CA HIS B 108 -3.99 1.19 -5.96
C HIS B 108 -5.00 0.89 -7.07
N ALA B 109 -5.07 -0.37 -7.53
CA ALA B 109 -6.01 -0.74 -8.56
C ALA B 109 -7.43 -0.38 -8.13
N LEU B 110 -7.77 -0.67 -6.88
CA LEU B 110 -9.14 -0.42 -6.44
C LEU B 110 -9.48 1.07 -6.33
N GLU B 111 -8.47 1.91 -6.20
CA GLU B 111 -8.67 3.36 -6.19
C GLU B 111 -8.84 3.90 -7.59
N VAL B 112 -8.18 3.33 -8.61
CA VAL B 112 -8.26 3.91 -9.96
C VAL B 112 -9.32 3.26 -10.83
N LEU B 113 -9.86 2.12 -10.43
CA LEU B 113 -11.02 1.57 -11.12
C LEU B 113 -12.23 2.48 -11.00
C ACE C 1 17.58 4.96 11.31
O ACE C 1 17.39 6.00 10.65
CH3 ACE C 1 18.93 4.22 11.28
H1 ACE C 1 19.58 4.60 12.06
H2 ACE C 1 19.41 4.38 10.31
H3 ACE C 1 18.76 3.16 11.44
CL 2L5 C 2 13.45 6.77 10.09
C15 2L5 C 2 13.99 5.28 9.40
C19 2L5 C 2 14.12 5.18 8.01
C18 2L5 C 2 14.55 4.02 7.41
C17 2L5 C 2 14.89 2.95 8.23
C16 2L5 C 2 14.78 3.00 9.60
C14 2L5 C 2 14.35 4.17 10.21
C13 2L5 C 2 14.22 4.22 11.60
CA 2L5 C 2 15.35 5.02 12.32
N 2L5 C 2 16.66 4.37 12.09
C 2L5 C 2 15.16 5.04 13.85
O 2L5 C 2 15.41 4.05 14.51
H1 2L5 C 2 13.86 6.05 7.38
H20 2L5 C 2 14.65 3.95 6.32
H3 2L5 C 2 15.23 2.03 7.76
H4 2L5 C 2 15.04 2.14 10.21
H5 2L5 C 2 13.37 4.75 11.91
H6 2L5 C 2 14.30 3.28 12.06
HA 2L5 C 2 15.38 6.04 11.93
H 2L5 C 2 16.88 3.56 12.62
N PRO C 3 14.67 6.15 14.42
CA PRO C 3 14.42 6.24 15.90
C PRO C 3 13.33 5.43 16.25
N PRO C 4 13.26 4.99 17.50
CA PRO C 4 12.03 4.26 17.98
C PRO C 4 10.90 5.14 18.13
N 92B C 5 9.69 4.58 18.20
C22 92B C 5 9.23 3.19 17.99
C23 92B C 5 7.84 3.27 17.47
C8 92B C 5 7.34 4.34 18.43
CA 92B C 5 8.45 5.38 18.32
C25 92B C 5 8.35 6.17 19.49
O7 92B C 5 9.14 5.99 20.44
C7 92B C 5 6.10 4.88 18.05
C6 92B C 5 5.71 6.21 18.11
C5 92B C 5 6.40 7.33 18.58
C4 92B C 5 5.42 8.27 19.30
C3 92B C 5 6.40 9.09 20.12
C2 92B C 5 7.14 7.94 20.78
N1 92B C 5 7.39 7.05 19.64
C 92B C 5 6.38 7.28 21.80
O 92B C 5 6.10 6.08 21.65
OXT 92B C 5 6.12 7.96 22.80
H26 92B C 5 9.91 2.43 17.77
H27 92B C 5 9.03 2.90 19.01
H28 92B C 5 7.85 3.64 16.44
H29 92B C 5 7.27 2.34 17.55
H30 92B C 5 7.34 3.92 19.43
HA 92B C 5 8.29 5.94 17.39
H32 92B C 5 5.38 4.18 17.63
H33 92B C 5 4.69 6.40 17.75
H34 92B C 5 6.91 7.87 17.79
H42 92B C 5 4.82 7.70 20.00
H35 92B C 5 4.78 8.83 18.62
H36 92B C 5 5.82 9.73 20.73
H37 92B C 5 8.07 8.29 21.24
H1 92B C 5 6.93 9.59 19.35
C ACE D 1 -16.87 -13.68 3.95
O ACE D 1 -16.77 -13.88 2.74
CH3 ACE D 1 -18.17 -13.17 4.52
H1 ACE D 1 -17.98 -12.57 5.40
H2 ACE D 1 -18.80 -14.02 4.79
H3 ACE D 1 -18.69 -12.58 3.77
CL 2L5 D 2 -12.98 -13.64 1.43
C15 2L5 D 2 -13.51 -12.23 2.23
C19 2L5 D 2 -13.77 -11.10 1.46
C18 2L5 D 2 -14.19 -9.94 2.07
C17 2L5 D 2 -14.39 -9.91 3.44
C16 2L5 D 2 -14.12 -11.01 4.23
C14 2L5 D 2 -13.69 -12.21 3.63
C13 2L5 D 2 -13.45 -13.32 4.46
CA 2L5 D 2 -14.56 -14.40 4.41
N 2L5 D 2 -15.87 -13.87 4.84
C 2L5 D 2 -14.17 -15.51 5.36
O 2L5 D 2 -14.22 -15.36 6.58
H1 2L5 D 2 -13.63 -11.13 0.38
H20 2L5 D 2 -14.40 -9.05 1.47
H3 2L5 D 2 -14.72 -8.98 3.92
H4 2L5 D 2 -14.28 -10.96 5.30
H5 2L5 D 2 -13.43 -13.06 5.47
H6 2L5 D 2 -12.61 -13.87 4.16
HA 2L5 D 2 -14.65 -14.78 3.39
H 2L5 D 2 -16.01 -13.69 5.82
N PRO D 3 -13.77 -16.67 4.81
CA PRO D 3 -13.29 -17.78 5.68
C PRO D 3 -12.07 -17.50 6.37
N PRO D 4 -11.81 -18.06 7.55
CA PRO D 4 -10.51 -17.80 8.23
C PRO D 4 -9.44 -18.52 7.58
N 92B D 5 -8.17 -18.16 7.89
C22 92B D 5 -7.65 -17.04 8.70
C23 92B D 5 -6.29 -16.72 8.11
C8 92B D 5 -5.78 -18.15 7.92
CA 92B D 5 -6.99 -18.84 7.26
C25 92B D 5 -6.86 -20.22 7.52
O7 92B D 5 -7.47 -20.77 8.45
C7 92B D 5 -4.63 -18.28 7.09
C6 92B D 5 -4.37 -19.28 6.15
C5 92B D 5 -5.11 -20.46 5.84
C4 92B D 5 -4.14 -21.65 5.57
C3 92B D 5 -5.07 -22.79 5.84
C2 92B D 5 -5.70 -22.39 7.21
N1 92B D 5 -5.94 -20.97 6.94
C 92B D 5 -4.87 -22.53 8.37
O 92B D 5 -4.72 -23.70 8.82
OXT 92B D 5 -4.40 -21.52 8.91
H26 92B D 5 -8.27 -16.37 9.19
H27 92B D 5 -7.33 -17.59 9.58
H28 92B D 5 -5.79 -16.14 8.84
H29 92B D 5 -6.55 -16.20 7.25
H30 92B D 5 -5.65 -18.58 8.91
HA 92B D 5 -6.98 -18.59 6.19
H32 92B D 5 -3.90 -17.47 7.15
H33 92B D 5 -3.42 -19.19 5.62
H34 92B D 5 -5.76 -20.34 4.98
H42 92B D 5 -3.66 -21.63 4.60
H35 92B D 5 -3.40 -21.69 6.37
H36 92B D 5 -5.85 -22.76 5.08
H37 92B D 5 -6.61 -22.96 7.39
H1 92B D 5 -4.60 -23.78 5.85
C ACE E 1 0.90 -18.88 -20.88
O ACE E 1 -0.02 -19.19 -20.13
CH3 ACE E 1 1.70 -19.95 -21.59
H1 ACE E 1 1.26 -20.91 -21.65
H2 ACE E 1 2.29 -19.64 -22.41
H3 ACE E 1 2.48 -20.13 -20.85
CL 2L5 E 2 1.58 -14.71 -17.84
C15 2L5 E 2 0.67 -13.71 -18.92
C19 2L5 E 2 0.02 -12.59 -18.40
C18 2L5 E 2 -0.72 -11.77 -19.24
C17 2L5 E 2 -0.81 -12.06 -20.59
C16 2L5 E 2 -0.17 -13.18 -21.11
C14 2L5 E 2 0.58 -14.02 -20.27
C13 2L5 E 2 1.24 -15.14 -20.84
CA 2L5 E 2 0.57 -16.47 -20.48
N 2L5 E 2 1.29 -17.60 -21.11
C 2L5 E 2 -0.86 -16.51 -21.01
O 2L5 E 2 -1.07 -16.60 -22.22
H1 2L5 E 2 0.09 -12.36 -17.34
H20 2L5 E 2 -1.23 -10.89 -18.83
H3 2L5 E 2 -1.39 -11.41 -21.25
H4 2L5 E 2 -0.24 -13.41 -22.17
H5 2L5 E 2 1.27 -15.03 -21.92
H6 2L5 E 2 2.26 -15.16 -20.46
HA 2L5 E 2 0.56 -16.60 -19.40
H 2L5 E 2 2.05 -17.41 -21.73
N PRO E 3 -1.85 -16.46 -20.12
CA PRO E 3 -3.26 -16.65 -20.59
C PRO E 3 -3.96 -15.47 -20.87
N PRO E 4 -4.97 -15.57 -21.77
CA PRO E 4 -5.81 -14.36 -22.05
C PRO E 4 -6.69 -14.20 -20.93
N 92B E 5 -7.34 -13.03 -20.83
C22 92B E 5 -7.35 -11.73 -21.56
C23 92B E 5 -7.57 -10.74 -20.40
C8 92B E 5 -8.77 -11.39 -19.76
CA 92B E 5 -8.21 -12.80 -19.61
C25 92B E 5 -9.28 -13.69 -19.40
O7 92B E 5 -9.69 -14.41 -20.32
C7 92B E 5 -9.13 -10.83 -18.51
C6 92B E 5 -9.51 -11.47 -17.32
C5 92B E 5 -9.64 -12.87 -17.05
C4 92B E 5 -10.81 -13.12 -16.09
C3 92B E 5 -10.92 -14.57 -16.33
C2 92B E 5 -11.08 -14.60 -17.86
N1 92B E 5 -9.96 -13.72 -18.26
C 92B E 5 -12.33 -14.12 -18.31
O 92B E 5 -13.30 -14.92 -18.22
OXT 92B E 5 -12.39 -12.98 -18.82
H26 92B E 5 -8.18 -11.70 -22.26
H27 92B E 5 -6.40 -11.53 -22.08
H28 92B E 5 -6.73 -10.79 -19.70
H29 92B E 5 -7.74 -9.71 -20.72
H30 92B E 5 -9.60 -11.39 -20.48
HA 92B E 5 -7.55 -12.77 -18.74
H32 92B E 5 -9.09 -9.74 -18.46
H33 92B E 5 -9.74 -10.81 -16.49
H34 92B E 5 -8.73 -13.27 -16.59
H42 92B E 5 -11.60 -12.57 -16.53
H35 92B E 5 -10.49 -12.74 -15.16
H36 92B E 5 -9.98 -15.03 -16.05
H37 92B E 5 -10.96 -15.61 -18.24
H1 92B E 5 -11.76 -15.04 -15.82
C ACE F 1 -2.20 26.94 2.09
O ACE F 1 -1.14 26.57 2.62
CH3 ACE F 1 -3.00 28.09 2.66
H1 ACE F 1 -3.40 28.77 1.97
H2 ACE F 1 -3.58 27.89 3.52
H3 ACE F 1 -2.20 28.69 3.09
CL 2L5 F 2 -1.52 24.58 -3.47
C15 2L5 F 2 -1.66 23.26 -2.48
C19 2L5 F 2 -1.13 22.06 -2.94
C18 2L5 F 2 -1.21 20.91 -2.16
C17 2L5 F 2 -1.85 21.01 -0.91
C16 2L5 F 2 -2.37 22.21 -0.45
C14 2L5 F 2 -2.29 23.38 -1.22
C13 2L5 F 2 -2.85 24.61 -0.79
CA 2L5 F 2 -2.01 25.18 0.36
N 2L5 F 2 -2.71 26.34 0.99
C 2L5 F 2 -0.66 25.71 -0.12
O 2L5 F 2 -0.59 26.71 -0.81
H1 2L5 F 2 -0.64 22.01 -3.91
H20 2L5 F 2 -0.80 19.96 -2.50
H3 2L5 F 2 -1.93 20.12 -0.28
H4 2L5 F 2 -2.87 22.25 0.52
H5 2L5 F 2 -3.78 24.50 -0.33
H6 2L5 F 2 -2.80 25.39 -1.50
HA 2L5 F 2 -1.86 24.41 1.11
H 2L5 F 2 -3.57 26.65 0.60
N PRO F 3 0.41 24.98 0.20
CA PRO F 3 1.72 25.52 -0.05
C PRO F 3 2.32 25.12 -1.27
N PRO F 4 3.26 25.93 -1.74
CA PRO F 4 4.07 25.48 -2.91
C PRO F 4 5.03 24.53 -2.46
N 92B F 5 5.58 23.73 -3.38
C22 92B F 5 5.42 23.50 -4.86
C23 92B F 5 5.69 22.00 -4.97
C8 92B F 5 6.99 21.99 -4.21
CA 92B F 5 6.54 22.70 -2.93
C25 92B F 5 7.69 23.14 -2.24
O7 92B F 5 8.10 24.32 -2.28
C7 92B F 5 7.45 20.66 -3.96
C6 92B F 5 7.98 20.14 -2.76
C5 92B F 5 8.18 20.80 -1.52
C4 92B F 5 9.45 20.25 -0.88
C3 92B F 5 9.69 21.32 0.10
C2 92B F 5 9.69 22.54 -0.82
N1 92B F 5 8.47 22.28 -1.62
C 92B F 5 10.85 22.67 -1.61
O 92B F 5 10.80 22.34 -2.82
OXT 92B F 5 11.84 23.18 -1.05
H26 92B F 5 6.15 24.08 -5.40
H27 92B F 5 4.41 23.75 -5.22
H28 92B F 5 4.95 21.43 -4.43
H29 92B F 5 5.78 21.64 -5.99
H30 92B F 5 7.72 22.59 -4.73
HA 92B F 5 5.98 21.97 -2.35
H32 92B F 5 7.38 19.97 -4.79
H33 92B F 5 8.27 19.09 -2.80
H34 92B F 5 7.34 20.67 -0.84
H42 92B F 5 10.14 20.28 -1.67
H35 92B F 5 9.20 19.27 -0.57
H36 92B F 5 10.59 21.07 0.60
H37 92B F 5 9.61 23.45 -0.24
H1 92B F 5 8.83 21.22 0.70
S SO4 G . -7.58 19.22 4.01
O1 SO4 G . -7.17 18.26 2.98
O2 SO4 G . -8.99 18.98 4.32
O3 SO4 G . -6.88 19.09 5.29
O4 SO4 G . -7.53 20.62 3.60
C1 GOL H . 5.81 23.16 9.88
O1 GOL H . 6.37 24.11 10.78
C2 GOL H . 6.12 23.62 8.45
O2 GOL H . 7.48 23.94 8.30
C3 GOL H . 5.81 22.49 7.49
O3 GOL H . 6.15 22.85 6.16
H11 GOL H . 4.73 23.10 10.02
H12 GOL H . 6.24 22.17 10.06
HO1 GOL H . 6.13 23.86 11.70
H2 GOL H . 5.50 24.47 8.20
HO2 GOL H . 8.03 23.15 8.49
H31 GOL H . 4.75 22.23 7.55
H32 GOL H . 6.38 21.60 7.78
HO3 GOL H . 6.79 22.20 5.80
N NO3 I . 3.10 -3.78 15.56
O1 NO3 I . 3.50 -3.99 16.73
O2 NO3 I . 2.07 -3.08 15.38
O3 NO3 I . 3.70 -4.21 14.53
N NO3 J . -8.22 11.88 6.65
N NO3 J . -8.14 11.86 7.15
O1 NO3 J . -7.89 12.68 7.59
O1 NO3 J . -7.50 12.82 7.63
O2 NO3 J . -7.98 10.65 6.77
O2 NO3 J . -7.82 11.30 6.07
O3 NO3 J . -8.75 12.25 5.56
O3 NO3 J . -9.08 11.42 7.82
S SO4 K . 6.83 -15.35 -14.10
O1 SO4 K . 6.78 -15.76 -15.51
O2 SO4 K . 6.03 -16.29 -13.30
O3 SO4 K . 6.44 -13.93 -13.91
O4 SO4 K . 8.22 -15.59 -13.70
S SO4 L . -1.66 -10.28 12.24
O1 SO4 L . -2.24 -11.35 13.05
O2 SO4 L . -2.72 -9.55 11.56
O3 SO4 L . -0.87 -9.38 13.09
O4 SO4 L . -0.77 -10.90 11.25
C1 GOL M . -6.24 -20.89 -13.23
O1 GOL M . -7.10 -19.97 -13.86
C2 GOL M . -6.99 -22.19 -12.97
O2 GOL M . -7.40 -22.73 -14.20
C3 GOL M . -6.11 -23.15 -12.20
O3 GOL M . -6.61 -24.49 -12.24
H11 GOL M . -5.89 -20.48 -12.29
H12 GOL M . -5.38 -21.09 -13.87
HO1 GOL M . -6.63 -19.12 -13.98
H2 GOL M . -7.87 -21.97 -12.36
HO2 GOL M . -6.61 -22.94 -14.74
H31 GOL M . -6.05 -22.84 -11.16
H32 GOL M . -5.10 -23.13 -12.61
HO3 GOL M . -7.45 -24.50 -12.74
N NO3 N . 8.09 -12.90 -6.79
N NO3 N . 8.06 -13.31 -6.47
O1 NO3 N . 7.80 -12.25 -5.76
O1 NO3 N . 7.69 -12.14 -6.82
O2 NO3 N . 8.61 -12.25 -7.73
O2 NO3 N . 7.37 -14.32 -6.71
O3 NO3 N . 7.84 -14.15 -6.86
O3 NO3 N . 9.11 -13.49 -5.84
#